data_8P2O
#
_entry.id   8P2O
#
_cell.length_a   87.918
_cell.length_b   87.918
_cell.length_c   97.795
_cell.angle_alpha   90.000
_cell.angle_beta   90.000
_cell.angle_gamma   120.000
#
_symmetry.space_group_name_H-M   'P 61'
#
loop_
_entity.id
_entity.type
_entity.pdbx_description
1 polymer 'Zinc finger and BTB domain-containing protein 8A.1-A'
2 non-polymer 1,2-ETHANEDIOL
3 water water
#
_entity_poly.entity_id   1
_entity_poly.type   'polypeptide(L)'
_entity_poly.pdbx_seq_one_letter_code
;MGMEFSSHHIRLLQQLDEQRQKDLFCDCHIIVEGQMFKAHRNVLFASSGYFKMLLSQSCRDMGEPITATFDVFSADTFTA
ILDFVYSGKLPLSGQNVIEVMSAARYLQMTDVIGVCKMFIKSSLDINEKDRDGFFSLSDKDAGSNGSGLEHHHHHH
;
_entity_poly.pdbx_strand_id   A,B
#
loop_
_chem_comp.id
_chem_comp.type
_chem_comp.name
_chem_comp.formula
EDO non-polymer 1,2-ETHANEDIOL 'C2 H6 O2'
#
# COMPACT_ATOMS: atom_id res chain seq x y z
N SER A 6 -5.21 -13.25 -4.72
CA SER A 6 -3.82 -13.09 -4.31
C SER A 6 -3.03 -12.31 -5.36
N SER A 7 -3.36 -12.51 -6.63
CA SER A 7 -2.70 -11.76 -7.69
C SER A 7 -2.94 -10.27 -7.55
N HIS A 8 -4.13 -9.87 -7.06
CA HIS A 8 -4.39 -8.47 -6.82
C HIS A 8 -3.41 -7.90 -5.81
N HIS A 9 -3.21 -8.61 -4.70
CA HIS A 9 -2.32 -8.14 -3.64
C HIS A 9 -0.87 -8.10 -4.09
N ILE A 10 -0.45 -9.11 -4.85
CA ILE A 10 0.94 -9.18 -5.29
C ILE A 10 1.25 -8.05 -6.27
N ARG A 11 0.38 -7.86 -7.26
CA ARG A 11 0.58 -6.76 -8.20
C ARG A 11 0.59 -5.40 -7.49
N LEU A 12 -0.36 -5.20 -6.57
CA LEU A 12 -0.43 -3.90 -5.89
C LEU A 12 0.86 -3.59 -5.14
N LEU A 13 1.40 -4.57 -4.42
CA LEU A 13 2.63 -4.32 -3.68
C LEU A 13 3.82 -4.14 -4.61
N GLN A 14 3.86 -4.86 -5.74
CA GLN A 14 4.90 -4.63 -6.75
C GLN A 14 4.86 -3.19 -7.25
N GLN A 15 3.66 -2.65 -7.45
CA GLN A 15 3.51 -1.26 -7.90
C GLN A 15 3.98 -0.27 -6.85
N LEU A 16 3.63 -0.53 -5.58
CA LEU A 16 4.09 0.35 -4.51
C LEU A 16 5.62 0.31 -4.38
N ASP A 17 6.21 -0.87 -4.57
CA ASP A 17 7.67 -0.99 -4.55
C ASP A 17 8.28 -0.17 -5.68
N GLU A 18 7.72 -0.26 -6.89
CA GLU A 18 8.20 0.56 -7.99
CA GLU A 18 8.21 0.57 -7.98
C GLU A 18 8.08 2.05 -7.66
N GLN A 19 6.96 2.46 -7.04
CA GLN A 19 6.76 3.86 -6.69
C GLN A 19 7.84 4.35 -5.72
N ARG A 20 8.13 3.59 -4.68
CA ARG A 20 9.12 4.08 -3.73
C ARG A 20 10.52 4.12 -4.35
N GLN A 21 10.84 3.17 -5.25
CA GLN A 21 12.12 3.22 -5.96
C GLN A 21 12.19 4.45 -6.88
N LYS A 22 11.05 4.94 -7.35
CA LYS A 22 10.99 6.07 -8.26
C LYS A 22 10.60 7.38 -7.57
N ASP A 23 10.54 7.39 -6.23
CA ASP A 23 10.18 8.58 -5.46
C ASP A 23 8.82 9.16 -5.89
N LEU A 24 7.82 8.29 -5.95
CA LEU A 24 6.44 8.70 -6.24
C LEU A 24 5.61 8.59 -4.96
N PHE A 25 4.98 9.70 -4.56
CA PHE A 25 4.12 9.78 -3.37
C PHE A 25 4.86 9.47 -2.09
N CYS A 26 6.18 9.66 -2.08
CA CYS A 26 7.00 9.27 -0.92
C CYS A 26 6.98 10.41 0.09
N ASP A 27 6.12 10.27 1.08
CA ASP A 27 5.94 11.27 2.12
C ASP A 27 6.71 10.93 3.39
N CYS A 28 7.63 9.95 3.33
CA CYS A 28 8.49 9.63 4.48
C CYS A 28 9.91 9.42 3.98
N HIS A 29 10.87 10.06 4.65
CA HIS A 29 12.28 9.86 4.41
C HIS A 29 12.89 9.24 5.65
N ILE A 30 13.72 8.21 5.47
CA ILE A 30 14.42 7.55 6.57
C ILE A 30 15.92 7.62 6.30
N ILE A 31 16.69 8.16 7.25
CA ILE A 31 18.13 8.34 7.10
C ILE A 31 18.83 7.38 8.05
N VAL A 32 19.63 6.47 7.50
CA VAL A 32 20.36 5.44 8.24
C VAL A 32 21.80 5.44 7.75
N GLU A 33 22.75 5.70 8.66
CA GLU A 33 24.18 5.71 8.30
C GLU A 33 24.45 6.70 7.17
N GLY A 34 23.74 7.83 7.19
CA GLY A 34 23.87 8.83 6.14
C GLY A 34 23.19 8.50 4.83
N GLN A 35 22.56 7.34 4.70
CA GLN A 35 21.89 6.94 3.47
CA GLN A 35 21.89 6.97 3.46
C GLN A 35 20.40 7.25 3.57
N MET A 36 19.85 7.84 2.52
CA MET A 36 18.46 8.27 2.49
C MET A 36 17.59 7.18 1.84
N PHE A 37 16.54 6.76 2.56
CA PHE A 37 15.52 5.86 2.02
C PHE A 37 14.20 6.64 1.89
N LYS A 38 13.50 6.46 0.76
CA LYS A 38 12.20 7.08 0.57
C LYS A 38 11.11 6.00 0.59
N ALA A 39 9.98 6.31 1.21
CA ALA A 39 8.91 5.34 1.36
C ALA A 39 7.61 6.08 1.65
N HIS A 40 6.53 5.31 1.83
CA HIS A 40 5.19 5.84 2.02
C HIS A 40 4.77 5.69 3.48
N ARG A 41 4.23 6.76 4.05
CA ARG A 41 3.78 6.69 5.45
C ARG A 41 2.72 5.61 5.64
N ASN A 42 1.76 5.50 4.72
CA ASN A 42 0.67 4.56 4.97
C ASN A 42 1.20 3.12 5.01
N VAL A 43 2.16 2.78 4.15
CA VAL A 43 2.74 1.43 4.16
C VAL A 43 3.55 1.20 5.44
N LEU A 44 4.36 2.18 5.85
CA LEU A 44 5.19 2.02 7.05
C LEU A 44 4.32 1.89 8.31
N PHE A 45 3.32 2.76 8.44
CA PHE A 45 2.37 2.67 9.57
C PHE A 45 1.74 1.28 9.63
N ALA A 46 1.34 0.74 8.48
CA ALA A 46 0.76 -0.59 8.43
C ALA A 46 1.74 -1.68 8.86
N SER A 47 3.04 -1.46 8.67
CA SER A 47 4.00 -2.54 8.71
C SER A 47 4.83 -2.58 9.99
N SER A 48 4.72 -1.58 10.86
CA SER A 48 5.72 -1.43 11.93
C SER A 48 5.08 -0.75 13.13
N GLY A 49 5.19 -1.39 14.30
CA GLY A 49 4.69 -0.76 15.51
C GLY A 49 5.41 0.53 15.83
N TYR A 50 6.72 0.58 15.54
CA TYR A 50 7.48 1.80 15.76
C TYR A 50 6.94 2.94 14.90
N PHE A 51 6.73 2.69 13.60
CA PHE A 51 6.24 3.78 12.75
C PHE A 51 4.81 4.16 13.09
N LYS A 52 4.01 3.22 13.63
CA LYS A 52 2.70 3.62 14.13
C LYS A 52 2.83 4.66 15.23
N MET A 53 3.80 4.48 16.13
CA MET A 53 3.98 5.46 17.19
C MET A 53 4.56 6.76 16.66
N LEU A 54 5.47 6.68 15.70
CA LEU A 54 6.13 7.89 15.19
C LEU A 54 5.19 8.71 14.30
N LEU A 55 4.38 8.05 13.48
CA LEU A 55 3.60 8.72 12.45
C LEU A 55 2.17 9.03 12.88
N SER A 56 1.76 8.61 14.07
CA SER A 56 0.36 8.78 14.47
C SER A 56 -0.01 10.25 14.65
N GLN A 57 0.91 11.07 15.18
CA GLN A 57 0.57 12.47 15.47
C GLN A 57 0.19 13.25 14.21
N SER A 58 0.80 12.96 13.07
CA SER A 58 0.53 13.74 11.86
C SER A 58 -0.17 12.91 10.80
N CYS A 59 -0.88 11.86 11.21
CA CYS A 59 -1.51 10.96 10.24
C CYS A 59 -2.60 11.65 9.42
N ARG A 60 -3.13 12.78 9.87
CA ARG A 60 -4.11 13.52 9.09
C ARG A 60 -3.57 14.83 8.54
N ASP A 61 -2.26 15.04 8.60
CA ASP A 61 -1.61 16.21 8.06
C ASP A 61 -0.75 15.84 6.86
N MET A 62 -0.78 16.69 5.83
CA MET A 62 0.09 16.56 4.68
CA MET A 62 0.10 16.55 4.69
C MET A 62 0.95 17.81 4.55
N GLY A 63 2.14 17.65 4.03
CA GLY A 63 3.02 18.79 3.87
C GLY A 63 4.45 18.33 3.65
N GLU A 64 5.38 18.78 4.48
CA GLU A 64 6.72 18.24 4.40
C GLU A 64 6.65 16.72 4.59
N PRO A 65 7.52 15.98 3.92
CA PRO A 65 7.71 14.58 4.29
C PRO A 65 8.18 14.49 5.74
N ILE A 66 7.82 13.40 6.40
CA ILE A 66 8.37 13.13 7.72
C ILE A 66 9.73 12.50 7.54
N THR A 67 10.75 13.07 8.20
CA THR A 67 12.10 12.52 8.16
C THR A 67 12.43 11.87 9.50
N ALA A 68 12.77 10.59 9.46
CA ALA A 68 13.17 9.83 10.64
C ALA A 68 14.62 9.40 10.47
N THR A 69 15.38 9.43 11.57
CA THR A 69 16.77 9.04 11.55
C THR A 69 16.96 7.87 12.51
N PHE A 70 17.78 6.90 12.12
CA PHE A 70 18.11 5.77 13.01
C PHE A 70 19.63 5.56 13.04
N ASP A 71 20.18 5.34 14.23
CA ASP A 71 21.56 4.87 14.31
C ASP A 71 21.66 3.58 15.13
N VAL A 72 20.54 2.90 15.38
CA VAL A 72 20.53 1.65 16.14
C VAL A 72 20.66 0.42 15.25
N PHE A 73 20.59 0.58 13.93
CA PHE A 73 20.89 -0.49 12.98
C PHE A 73 21.59 0.13 11.77
N SER A 74 22.13 -0.72 10.91
CA SER A 74 22.90 -0.30 9.76
C SER A 74 22.01 -0.05 8.54
N ALA A 75 22.57 0.65 7.55
CA ALA A 75 21.83 0.87 6.30
C ALA A 75 21.57 -0.44 5.58
N ASP A 76 22.54 -1.36 5.61
CA ASP A 76 22.33 -2.66 4.97
C ASP A 76 21.19 -3.42 5.62
N THR A 77 21.12 -3.38 6.95
CA THR A 77 20.03 -4.02 7.67
C THR A 77 18.69 -3.38 7.33
N PHE A 78 18.63 -2.05 7.32
CA PHE A 78 17.37 -1.40 6.97
C PHE A 78 16.95 -1.70 5.53
N THR A 79 17.92 -1.84 4.61
CA THR A 79 17.59 -2.22 3.24
C THR A 79 16.81 -3.53 3.19
N ALA A 80 17.29 -4.54 3.93
CA ALA A 80 16.62 -5.85 3.96
C ALA A 80 15.21 -5.74 4.51
N ILE A 81 15.03 -4.96 5.58
CA ILE A 81 13.72 -4.82 6.21
C ILE A 81 12.75 -4.11 5.27
N LEU A 82 13.20 -3.01 4.66
CA LEU A 82 12.30 -2.24 3.80
C LEU A 82 12.01 -3.00 2.51
N ASP A 83 12.98 -3.77 2.01
CA ASP A 83 12.70 -4.61 0.84
C ASP A 83 11.61 -5.63 1.16
N PHE A 84 11.63 -6.19 2.38
CA PHE A 84 10.58 -7.10 2.83
C PHE A 84 9.24 -6.38 2.93
N VAL A 85 9.24 -5.19 3.55
CA VAL A 85 8.00 -4.42 3.64
C VAL A 85 7.34 -4.32 2.28
N TYR A 86 8.12 -4.07 1.22
CA TYR A 86 7.58 -3.82 -0.11
C TYR A 86 7.57 -5.04 -1.03
N SER A 87 7.83 -6.24 -0.51
CA SER A 87 7.85 -7.41 -1.40
C SER A 87 7.42 -8.70 -0.69
N GLY A 88 7.52 -8.74 0.63
CA GLY A 88 7.33 -9.98 1.34
C GLY A 88 8.49 -10.96 1.30
N LYS A 89 9.59 -10.62 0.65
CA LYS A 89 10.77 -11.47 0.60
C LYS A 89 11.86 -10.89 1.50
N LEU A 90 12.52 -11.76 2.26
CA LEU A 90 13.56 -11.36 3.19
C LEU A 90 14.76 -12.28 2.99
N PRO A 91 15.78 -11.85 2.24
CA PRO A 91 16.95 -12.71 2.03
C PRO A 91 17.80 -12.72 3.30
N LEU A 92 17.97 -13.89 3.86
CA LEU A 92 18.70 -14.04 5.12
C LEU A 92 19.87 -14.98 4.96
N SER A 93 20.89 -14.75 5.78
CA SER A 93 21.99 -15.69 5.96
C SER A 93 22.38 -15.64 7.43
N GLY A 94 23.27 -16.56 7.82
CA GLY A 94 23.86 -16.48 9.14
C GLY A 94 24.57 -15.18 9.40
N GLN A 95 25.03 -14.49 8.34
CA GLN A 95 25.77 -13.25 8.52
C GLN A 95 24.87 -12.09 8.93
N ASN A 96 23.58 -12.07 8.52
CA ASN A 96 22.75 -10.91 8.81
C ASN A 96 21.48 -11.19 9.62
N VAL A 97 21.12 -12.45 9.87
CA VAL A 97 19.80 -12.70 10.48
C VAL A 97 19.73 -12.15 11.91
N ILE A 98 20.84 -12.17 12.66
CA ILE A 98 20.79 -11.63 14.01
C ILE A 98 20.59 -10.12 13.99
N GLU A 99 21.26 -9.42 13.07
CA GLU A 99 21.09 -7.99 12.92
C GLU A 99 19.68 -7.62 12.45
N VAL A 100 19.16 -8.35 11.45
CA VAL A 100 17.79 -8.09 10.99
C VAL A 100 16.79 -8.31 12.13
N MET A 101 16.97 -9.38 12.90
CA MET A 101 16.01 -9.68 13.96
C MET A 101 16.04 -8.59 15.02
N SER A 102 17.25 -8.09 15.33
CA SER A 102 17.39 -7.01 16.30
C SER A 102 16.71 -5.73 15.81
N ALA A 103 16.88 -5.40 14.53
CA ALA A 103 16.22 -4.21 14.00
C ALA A 103 14.71 -4.40 13.96
N ALA A 104 14.26 -5.62 13.67
CA ALA A 104 12.83 -5.89 13.63
C ALA A 104 12.21 -5.75 15.02
N ARG A 105 12.95 -6.15 16.06
CA ARG A 105 12.47 -5.89 17.43
C ARG A 105 12.34 -4.39 17.67
N TYR A 106 13.36 -3.61 17.28
CA TYR A 106 13.29 -2.16 17.50
C TYR A 106 12.12 -1.55 16.75
N LEU A 107 11.90 -1.97 15.51
CA LEU A 107 10.81 -1.44 14.71
C LEU A 107 9.47 -2.10 15.03
N GLN A 108 9.46 -3.04 15.98
CA GLN A 108 8.25 -3.76 16.39
C GLN A 108 7.52 -4.34 15.17
N MET A 109 8.22 -5.22 14.45
CA MET A 109 7.67 -5.88 13.26
C MET A 109 7.65 -7.37 13.55
N THR A 110 6.54 -7.84 14.15
CA THR A 110 6.49 -9.22 14.62
C THR A 110 6.61 -10.22 13.47
N ASP A 111 6.13 -9.87 12.27
CA ASP A 111 6.24 -10.82 11.16
C ASP A 111 7.70 -11.04 10.76
N VAL A 112 8.51 -9.98 10.68
CA VAL A 112 9.93 -10.12 10.35
C VAL A 112 10.64 -10.93 11.43
N ILE A 113 10.30 -10.68 12.70
CA ILE A 113 10.87 -11.47 13.79
C ILE A 113 10.56 -12.95 13.58
N GLY A 114 9.32 -13.27 13.21
CA GLY A 114 8.95 -14.66 12.99
C GLY A 114 9.70 -15.30 11.84
N VAL A 115 9.89 -14.56 10.74
CA VAL A 115 10.67 -15.09 9.63
C VAL A 115 12.10 -15.38 10.07
N CYS A 116 12.69 -14.50 10.87
CA CYS A 116 14.06 -14.70 11.34
C CYS A 116 14.19 -15.94 12.22
N LYS A 117 13.25 -16.13 13.15
CA LYS A 117 13.31 -17.29 14.04
C LYS A 117 13.16 -18.59 13.26
N MET A 118 12.27 -18.60 12.26
CA MET A 118 12.13 -19.78 11.40
C MET A 118 13.42 -20.04 10.63
N PHE A 119 14.05 -18.98 10.12
CA PHE A 119 15.30 -19.15 9.37
C PHE A 119 16.38 -19.73 10.27
N ILE A 120 16.51 -19.22 11.49
CA ILE A 120 17.50 -19.74 12.43
C ILE A 120 17.25 -21.21 12.71
N LYS A 121 16.00 -21.55 13.07
CA LYS A 121 15.69 -22.94 13.40
C LYS A 121 15.98 -23.87 12.23
N SER A 122 15.56 -23.47 11.03
CA SER A 122 15.84 -24.26 9.83
C SER A 122 17.34 -24.38 9.57
N SER A 123 18.07 -23.27 9.73
CA SER A 123 19.50 -23.27 9.42
C SER A 123 20.30 -24.13 10.39
N LEU A 124 19.86 -24.24 11.64
CA LEU A 124 20.64 -24.98 12.63
C LEU A 124 20.50 -26.49 12.47
N ASP A 125 19.44 -26.97 11.81
CA ASP A 125 19.27 -28.40 11.59
C ASP A 125 20.19 -28.81 10.45
N ILE A 126 21.44 -29.12 10.81
CA ILE A 126 22.53 -29.28 9.86
C ILE A 126 22.91 -30.74 9.65
N ASN A 127 22.85 -31.55 10.70
CA ASN A 127 23.32 -32.93 10.65
C ASN A 127 22.26 -33.87 10.09
N SER B 6 2.55 -15.24 1.09
CA SER B 6 1.96 -13.96 0.73
C SER B 6 0.95 -13.48 1.78
N SER B 7 1.10 -14.01 3.01
CA SER B 7 0.34 -13.49 4.14
C SER B 7 0.73 -12.06 4.48
N HIS B 8 1.97 -11.67 4.18
CA HIS B 8 2.36 -10.27 4.31
C HIS B 8 1.51 -9.38 3.41
N HIS B 9 1.25 -9.82 2.18
CA HIS B 9 0.46 -9.01 1.25
C HIS B 9 -0.97 -8.82 1.74
N ILE B 10 -1.55 -9.87 2.30
CA ILE B 10 -2.95 -9.82 2.75
C ILE B 10 -3.08 -8.91 3.95
N ARG B 11 -2.22 -9.10 4.96
CA ARG B 11 -2.22 -8.22 6.12
C ARG B 11 -2.01 -6.77 5.73
N LEU B 12 -1.07 -6.52 4.81
CA LEU B 12 -0.77 -5.14 4.43
C LEU B 12 -2.00 -4.46 3.84
N LEU B 13 -2.68 -5.13 2.93
CA LEU B 13 -3.84 -4.50 2.31
C LEU B 13 -4.99 -4.39 3.29
N GLN B 14 -5.15 -5.35 4.21
CA GLN B 14 -6.17 -5.21 5.25
C GLN B 14 -5.92 -3.97 6.08
N GLN B 15 -4.66 -3.70 6.42
CA GLN B 15 -4.32 -2.49 7.17
C GLN B 15 -4.61 -1.23 6.37
N LEU B 16 -4.27 -1.22 5.07
CA LEU B 16 -4.55 -0.04 4.26
C LEU B 16 -6.05 0.21 4.15
N ASP B 17 -6.84 -0.87 4.08
CA ASP B 17 -8.29 -0.74 4.08
C ASP B 17 -8.78 -0.11 5.38
N GLU B 18 -8.25 -0.57 6.52
CA GLU B 18 -8.64 0.02 7.81
CA GLU B 18 -8.66 0.02 7.79
C GLU B 18 -8.30 1.50 7.85
N GLN B 19 -7.11 1.87 7.34
CA GLN B 19 -6.68 3.27 7.31
C GLN B 19 -7.65 4.15 6.50
N ARG B 20 -8.03 3.71 5.31
CA ARG B 20 -8.92 4.59 4.54
C ARG B 20 -10.29 4.68 5.19
N GLN B 21 -10.76 3.61 5.85
CA GLN B 21 -12.02 3.67 6.58
C GLN B 21 -11.94 4.63 7.76
N LYS B 22 -10.75 4.82 8.33
CA LYS B 22 -10.57 5.71 9.48
C LYS B 22 -10.00 7.08 9.08
N ASP B 23 -9.83 7.34 7.78
CA ASP B 23 -9.29 8.60 7.29
C ASP B 23 -7.89 8.86 7.84
N LEU B 24 -7.00 7.87 7.65
CA LEU B 24 -5.60 7.96 8.03
C LEU B 24 -4.73 8.02 6.77
N PHE B 25 -3.93 9.09 6.67
CA PHE B 25 -3.02 9.31 5.53
C PHE B 25 -3.78 9.41 4.22
N CYS B 26 -5.02 9.85 4.25
CA CYS B 26 -5.86 9.88 3.04
C CYS B 26 -5.63 11.19 2.32
N ASP B 27 -4.76 11.15 1.31
CA ASP B 27 -4.39 12.30 0.51
C ASP B 27 -5.19 12.39 -0.78
N CYS B 28 -6.28 11.64 -0.91
CA CYS B 28 -7.17 11.75 -2.07
C CYS B 28 -8.61 11.69 -1.58
N HIS B 29 -9.42 12.63 -2.05
CA HIS B 29 -10.85 12.67 -1.78
C HIS B 29 -11.59 12.47 -3.11
N ILE B 30 -12.55 11.55 -3.13
CA ILE B 30 -13.35 11.30 -4.33
C ILE B 30 -14.80 11.58 -3.98
N ILE B 31 -15.44 12.47 -4.74
CA ILE B 31 -16.82 12.84 -4.51
C ILE B 31 -17.66 12.26 -5.64
N VAL B 32 -18.57 11.35 -5.30
CA VAL B 32 -19.42 10.66 -6.27
C VAL B 32 -20.85 10.75 -5.75
N GLU B 33 -21.72 11.37 -6.55
CA GLU B 33 -23.14 11.43 -6.22
C GLU B 33 -23.37 12.04 -4.84
N GLY B 34 -22.64 13.13 -4.55
CA GLY B 34 -22.78 13.81 -3.29
C GLY B 34 -22.14 13.13 -2.10
N GLN B 35 -21.43 12.03 -2.32
CA GLN B 35 -20.86 11.21 -1.26
C GLN B 35 -19.33 11.29 -1.30
N MET B 36 -18.71 11.44 -0.14
CA MET B 36 -17.26 11.61 -0.05
C MET B 36 -16.59 10.27 0.24
N PHE B 37 -15.57 9.95 -0.55
CA PHE B 37 -14.72 8.78 -0.32
C PHE B 37 -13.30 9.23 -0.04
N LYS B 38 -12.70 8.70 1.03
CA LYS B 38 -11.31 8.99 1.36
C LYS B 38 -10.44 7.79 0.99
N ALA B 39 -9.26 8.05 0.40
CA ALA B 39 -8.39 6.99 -0.07
C ALA B 39 -6.95 7.52 -0.17
N HIS B 40 -6.03 6.63 -0.58
CA HIS B 40 -4.61 6.95 -0.69
C HIS B 40 -4.22 7.09 -2.15
N ARG B 41 -3.47 8.15 -2.47
CA ARG B 41 -3.03 8.35 -3.85
C ARG B 41 -2.15 7.20 -4.36
N ASN B 42 -1.24 6.69 -3.52
CA ASN B 42 -0.32 5.67 -4.02
C ASN B 42 -1.06 4.40 -4.43
N VAL B 43 -2.07 4.00 -3.65
CA VAL B 43 -2.88 2.84 -3.98
C VAL B 43 -3.69 3.09 -5.26
N LEU B 44 -4.34 4.24 -5.35
CA LEU B 44 -5.17 4.53 -6.52
C LEU B 44 -4.33 4.63 -7.80
N PHE B 45 -3.18 5.31 -7.74
CA PHE B 45 -2.25 5.40 -8.86
C PHE B 45 -1.84 4.02 -9.35
N ALA B 46 -1.64 3.08 -8.43
CA ALA B 46 -1.27 1.71 -8.77
C ALA B 46 -2.42 0.88 -9.32
N SER B 47 -3.66 1.32 -9.17
CA SER B 47 -4.81 0.45 -9.40
C SER B 47 -5.71 0.87 -10.56
N SER B 48 -5.46 2.00 -11.20
CA SER B 48 -6.42 2.56 -12.14
C SER B 48 -5.67 3.42 -13.14
N GLY B 49 -5.85 3.14 -14.44
CA GLY B 49 -5.24 3.98 -15.45
C GLY B 49 -5.73 5.41 -15.41
N TYR B 50 -7.00 5.60 -15.05
CA TYR B 50 -7.52 6.96 -14.92
C TYR B 50 -6.84 7.70 -13.77
N PHE B 51 -6.83 7.08 -12.58
CA PHE B 51 -6.18 7.73 -11.45
C PHE B 51 -4.68 7.88 -11.67
N LYS B 52 -4.06 6.94 -12.38
CA LYS B 52 -2.63 7.10 -12.68
C LYS B 52 -2.39 8.39 -13.45
N MET B 53 -3.21 8.66 -14.48
CA MET B 53 -3.10 9.92 -15.21
C MET B 53 -3.41 11.12 -14.31
N LEU B 54 -4.53 11.05 -13.58
CA LEU B 54 -4.95 12.18 -12.76
C LEU B 54 -3.89 12.57 -11.74
N LEU B 55 -3.29 11.57 -11.09
CA LEU B 55 -2.40 11.83 -9.97
C LEU B 55 -0.95 12.01 -10.37
N SER B 56 -0.61 11.82 -11.65
CA SER B 56 0.79 11.91 -12.05
C SER B 56 1.33 13.32 -11.90
N GLN B 57 0.51 14.33 -12.20
CA GLN B 57 1.00 15.71 -12.18
C GLN B 57 1.54 16.09 -10.81
N SER B 58 0.86 15.69 -9.73
CA SER B 58 1.22 16.13 -8.40
C SER B 58 1.85 15.01 -7.56
N CYS B 59 2.36 13.95 -8.20
CA CYS B 59 2.78 12.77 -7.45
C CYS B 59 3.96 13.03 -6.52
N ARG B 60 4.70 14.13 -6.69
CA ARG B 60 5.75 14.49 -5.74
C ARG B 60 5.40 15.71 -4.90
N ASP B 61 4.16 16.19 -5.01
CA ASP B 61 3.70 17.36 -4.27
CA ASP B 61 3.70 17.36 -4.27
C ASP B 61 2.76 16.91 -3.16
N MET B 62 3.05 17.35 -1.94
CA MET B 62 2.14 17.09 -0.84
CA MET B 62 2.20 17.10 -0.78
C MET B 62 1.45 18.39 -0.44
N GLY B 63 0.58 18.32 0.55
CA GLY B 63 -0.21 19.50 0.87
C GLY B 63 -1.68 19.18 0.85
N GLU B 64 -2.48 19.91 0.09
CA GLU B 64 -3.90 19.58 0.08
C GLU B 64 -4.09 18.18 -0.50
N PRO B 65 -5.05 17.42 0.01
CA PRO B 65 -5.48 16.22 -0.72
C PRO B 65 -5.92 16.61 -2.12
N ILE B 66 -5.76 15.68 -3.05
CA ILE B 66 -6.32 15.84 -4.40
C ILE B 66 -7.79 15.43 -4.34
N THR B 67 -8.67 16.30 -4.84
CA THR B 67 -10.10 16.00 -4.88
C THR B 67 -10.52 15.72 -6.32
N ALA B 68 -11.09 14.54 -6.54
CA ALA B 68 -11.64 14.14 -7.82
C ALA B 68 -13.15 14.00 -7.68
N THR B 69 -13.89 14.38 -8.73
CA THR B 69 -15.33 14.20 -8.73
C THR B 69 -15.75 13.43 -9.97
N PHE B 70 -16.75 12.57 -9.83
CA PHE B 70 -17.26 11.76 -10.92
C PHE B 70 -18.78 11.85 -10.94
N ASP B 71 -19.35 12.01 -12.14
CA ASP B 71 -20.79 11.88 -12.32
C ASP B 71 -21.16 10.81 -13.34
N VAL B 72 -20.20 10.04 -13.84
CA VAL B 72 -20.50 9.04 -14.86
C VAL B 72 -20.80 7.67 -14.29
N PHE B 73 -20.67 7.49 -12.97
CA PHE B 73 -21.16 6.30 -12.29
C PHE B 73 -21.69 6.70 -10.92
N SER B 74 -22.38 5.76 -10.28
CA SER B 74 -23.05 6.02 -9.00
C SER B 74 -22.10 5.79 -7.82
N ALA B 75 -22.53 6.25 -6.65
CA ALA B 75 -21.76 6.02 -5.43
C ALA B 75 -21.73 4.54 -5.07
N ASP B 76 -22.85 3.82 -5.26
CA ASP B 76 -22.84 2.38 -4.99
C ASP B 76 -21.83 1.67 -5.88
N THR B 77 -21.77 2.04 -7.16
CA THR B 77 -20.80 1.43 -8.07
C THR B 77 -19.38 1.76 -7.65
N PHE B 78 -19.10 3.02 -7.29
CA PHE B 78 -17.75 3.34 -6.86
C PHE B 78 -17.39 2.64 -5.54
N THR B 79 -18.38 2.44 -4.66
CA THR B 79 -18.15 1.69 -3.43
C THR B 79 -17.62 0.29 -3.75
N ALA B 80 -18.28 -0.40 -4.69
CA ALA B 80 -17.86 -1.74 -5.07
C ALA B 80 -16.43 -1.74 -5.61
N ILE B 81 -16.12 -0.79 -6.49
CA ILE B 81 -14.79 -0.75 -7.10
C ILE B 81 -13.72 -0.45 -6.05
N LEU B 82 -13.96 0.54 -5.19
CA LEU B 82 -12.95 0.89 -4.18
C LEU B 82 -12.80 -0.23 -3.15
N ASP B 83 -13.90 -0.93 -2.81
CA ASP B 83 -13.78 -2.09 -1.94
C ASP B 83 -12.88 -3.16 -2.57
N PHE B 84 -13.01 -3.37 -3.87
CA PHE B 84 -12.12 -4.30 -4.55
C PHE B 84 -10.67 -3.81 -4.52
N VAL B 85 -10.44 -2.52 -4.76
CA VAL B 85 -9.09 -1.98 -4.73
C VAL B 85 -8.42 -2.31 -3.40
N TYR B 86 -9.18 -2.22 -2.32
CA TYR B 86 -8.63 -2.39 -0.98
C TYR B 86 -8.80 -3.81 -0.41
N SER B 87 -9.26 -4.78 -1.20
CA SER B 87 -9.47 -6.12 -0.66
C SER B 87 -9.21 -7.24 -1.67
N GLY B 88 -9.26 -6.95 -2.97
CA GLY B 88 -9.22 -8.00 -3.95
C GLY B 88 -10.54 -8.73 -4.17
N LYS B 89 -11.61 -8.33 -3.49
CA LYS B 89 -12.92 -8.95 -3.65
C LYS B 89 -13.89 -7.94 -4.25
N LEU B 90 -14.53 -8.31 -5.36
CA LEU B 90 -15.45 -7.42 -6.02
C LEU B 90 -16.88 -7.92 -5.80
N PRO B 91 -17.74 -7.12 -5.15
CA PRO B 91 -19.09 -7.59 -4.84
C PRO B 91 -20.04 -7.46 -6.04
N LEU B 92 -20.13 -8.49 -6.86
CA LEU B 92 -20.95 -8.46 -8.06
C LEU B 92 -22.29 -9.16 -7.85
N SER B 93 -23.30 -8.66 -8.55
CA SER B 93 -24.59 -9.32 -8.67
C SER B 93 -25.08 -9.14 -10.10
N GLY B 94 -26.15 -9.86 -10.44
CA GLY B 94 -26.80 -9.61 -11.72
C GLY B 94 -27.26 -8.18 -11.86
N GLN B 95 -27.63 -7.55 -10.74
CA GLN B 95 -28.09 -6.16 -10.77
C GLN B 95 -26.97 -5.18 -11.16
N ASN B 96 -25.76 -5.35 -10.62
CA ASN B 96 -24.75 -4.29 -10.77
C ASN B 96 -23.61 -4.61 -11.73
N VAL B 97 -23.54 -5.82 -12.31
CA VAL B 97 -22.29 -6.21 -12.97
C VAL B 97 -22.00 -5.30 -14.16
N ILE B 98 -23.03 -4.88 -14.89
CA ILE B 98 -22.81 -4.03 -16.07
C ILE B 98 -22.48 -2.60 -15.66
N GLU B 99 -23.11 -2.11 -14.58
CA GLU B 99 -22.73 -0.80 -14.05
C GLU B 99 -21.28 -0.79 -13.59
N VAL B 100 -20.84 -1.85 -12.90
CA VAL B 100 -19.45 -1.93 -12.47
C VAL B 100 -18.51 -2.00 -13.67
N MET B 101 -18.89 -2.78 -14.69
CA MET B 101 -18.01 -2.88 -15.86
C MET B 101 -17.85 -1.52 -16.55
N SER B 102 -18.94 -0.75 -16.65
CA SER B 102 -18.88 0.56 -17.28
C SER B 102 -17.97 1.51 -16.52
N ALA B 103 -18.08 1.53 -15.20
CA ALA B 103 -17.20 2.37 -14.39
C ALA B 103 -15.75 1.93 -14.51
N ALA B 104 -15.51 0.62 -14.55
CA ALA B 104 -14.14 0.12 -14.69
C ALA B 104 -13.54 0.49 -16.04
N ARG B 105 -14.35 0.54 -17.10
CA ARG B 105 -13.84 1.06 -18.37
C ARG B 105 -13.47 2.54 -18.25
N TYR B 106 -14.32 3.35 -17.62
CA TYR B 106 -14.03 4.76 -17.41
C TYR B 106 -12.75 4.92 -16.59
N LEU B 107 -12.62 4.14 -15.52
CA LEU B 107 -11.45 4.22 -14.64
C LEU B 107 -10.25 3.46 -15.18
N GLN B 108 -10.43 2.75 -16.30
CA GLN B 108 -9.37 1.98 -16.95
C GLN B 108 -8.74 0.98 -15.98
N MET B 109 -9.58 0.07 -15.49
CA MET B 109 -9.17 -0.96 -14.55
C MET B 109 -9.40 -2.31 -15.22
N THR B 110 -8.38 -2.82 -15.90
CA THR B 110 -8.55 -4.02 -16.70
C THR B 110 -8.84 -5.24 -15.82
N ASP B 111 -8.30 -5.27 -14.60
CA ASP B 111 -8.59 -6.41 -13.72
C ASP B 111 -10.08 -6.47 -13.37
N VAL B 112 -10.68 -5.31 -13.05
CA VAL B 112 -12.12 -5.30 -12.74
C VAL B 112 -12.94 -5.67 -13.98
N ILE B 113 -12.54 -5.19 -15.16
CA ILE B 113 -13.23 -5.56 -16.40
C ILE B 113 -13.21 -7.06 -16.57
N GLY B 114 -12.05 -7.70 -16.32
CA GLY B 114 -11.96 -9.14 -16.46
C GLY B 114 -12.87 -9.90 -15.52
N VAL B 115 -12.94 -9.46 -14.26
CA VAL B 115 -13.81 -10.12 -13.27
C VAL B 115 -15.27 -10.00 -13.70
N CYS B 116 -15.66 -8.84 -14.23
CA CYS B 116 -17.03 -8.67 -14.70
C CYS B 116 -17.35 -9.61 -15.88
N LYS B 117 -16.42 -9.73 -16.83
CA LYS B 117 -16.63 -10.62 -17.98
C LYS B 117 -16.74 -12.07 -17.53
N MET B 118 -15.93 -12.46 -16.56
CA MET B 118 -16.01 -13.83 -16.02
C MET B 118 -17.34 -14.07 -15.32
N PHE B 119 -17.82 -13.08 -14.56
CA PHE B 119 -19.14 -13.21 -13.92
C PHE B 119 -20.23 -13.47 -14.96
N ILE B 120 -20.25 -12.69 -16.04
CA ILE B 120 -21.28 -12.88 -17.06
C ILE B 120 -21.12 -14.24 -17.74
N LYS B 121 -19.88 -14.61 -18.08
CA LYS B 121 -19.65 -15.87 -18.77
C LYS B 121 -20.10 -17.06 -17.92
N SER B 122 -19.84 -17.03 -16.61
CA SER B 122 -20.22 -18.13 -15.74
C SER B 122 -21.69 -18.09 -15.33
N SER B 123 -22.43 -17.05 -15.72
CA SER B 123 -23.82 -16.91 -15.29
C SER B 123 -24.73 -18.01 -15.83
N LEU B 124 -24.29 -18.75 -16.84
CA LEU B 124 -25.08 -19.85 -17.37
C LEU B 124 -24.80 -21.18 -16.67
N ASP B 125 -23.84 -21.23 -15.77
CA ASP B 125 -23.42 -22.49 -15.16
C ASP B 125 -24.26 -22.84 -13.93
C1 EDO C . 15.24 4.13 -1.75
O1 EDO C . 14.90 5.50 -1.54
C2 EDO C . 13.97 3.28 -1.88
O2 EDO C . 13.40 3.06 -0.58
C1 EDO D . 16.41 6.08 16.82
O1 EDO D . 15.64 7.28 16.75
C2 EDO D . 17.86 6.47 16.59
O2 EDO D . 18.68 5.30 16.57
C1 EDO E . 12.67 -4.59 -3.25
O1 EDO E . 11.50 -4.77 -2.44
C2 EDO E . 12.97 -5.89 -3.99
O2 EDO E . 12.83 -6.98 -3.08
C1 EDO F . 1.92 -2.80 14.38
C1 EDO F . 3.68 -5.62 12.74
O1 EDO F . 2.49 -3.57 15.45
O1 EDO F . 4.21 -6.05 14.00
C2 EDO F . 2.00 -3.63 13.11
C2 EDO F . 4.24 -6.51 11.64
O2 EDO F . 3.27 -4.29 13.11
O2 EDO F . 3.91 -7.88 11.93
C1 EDO G . 25.79 2.13 12.35
O1 EDO G . 25.28 0.80 12.28
C2 EDO G . 24.69 3.11 12.76
O2 EDO G . 23.75 3.28 11.69
C1 EDO H . 12.90 8.80 15.31
O1 EDO H . 13.16 7.78 14.34
C2 EDO H . 13.06 10.18 14.67
O2 EDO H . 14.35 10.30 14.04
C1 EDO I . -14.75 5.99 2.92
O1 EDO I . -14.22 7.31 2.98
C2 EDO I . -13.64 4.98 2.62
O2 EDO I . -13.17 5.16 1.27
C1 EDO J . -5.94 -2.34 -13.18
O1 EDO J . -5.76 -3.66 -13.72
C2 EDO J . -5.32 -1.34 -14.16
O2 EDO J . -5.81 -1.66 -15.48
#